data_4PUE
#
_entry.id   4PUE
#
_cell.length_a   122.403
_cell.length_b   61.976
_cell.length_c   89.486
_cell.angle_alpha   90.00
_cell.angle_beta   119.43
_cell.angle_gamma   90.00
#
_symmetry.space_group_name_H-M   'C 1 2 1'
#
loop_
_entity.id
_entity.type
_entity.pdbx_description
1 polymer Endo-1,4-beta-xylanase
2 branched beta-D-xylopyranose-(1-4)-beta-D-xylopyranose-(1-4)-beta-D-xylopyranose-(1-4)-beta-D-xylopyranose
3 non-polymer 'ZINC ION'
4 non-polymer 'CHLORIDE ION'
5 water water
#
_entity_poly.entity_id   1
_entity_poly.type   'polypeptide(L)'
_entity_poly.pdbx_seq_one_letter_code
;KPHISALNAPQLDQRYKNEFTIGAAVEPYQLQNEKDVQMLKRHFNSIVAENVMKPISIQPEEGKFNFEQADRIVKFAKAN
GMDIRFHTLVWHSQVPQWFFLDKEGKPMVNETDPVKREQNKQLLLKRLETHIKTIVERYKDDIKYWDVVNQVVGDDGKLR
NSPWYQIAGIDYIKVAFQAARKYGGDNIKLYMNDYNTEVEPKRTALYNLVKQLKEEGVPIDGIGHQSHIQIGWPSEAEIE
KTINMFAALGLDNQITELDVSMYGWPPRAYPTYDAIPKQKFLDQAARYDRLFKLYEKLSDKISNVTFWGIADNHTWLDSR
ADVYYDANGNVVVDPNAPYAKVEKGKGKDAPFVFGPDYKVKPAYWAIIDHK
;
_entity_poly.pdbx_strand_id   A
#
# COMPACT_ATOMS: atom_id res chain seq x y z
N LYS A 1 -12.25 -1.41 28.81
CA LYS A 1 -12.99 -2.03 27.65
C LYS A 1 -12.32 -3.36 27.27
N PRO A 2 -13.09 -4.41 27.22
CA PRO A 2 -12.60 -5.77 27.18
C PRO A 2 -11.98 -6.25 25.84
N HIS A 3 -11.10 -7.22 25.96
CA HIS A 3 -10.40 -7.91 24.85
C HIS A 3 -11.32 -8.99 24.33
N ILE A 4 -12.42 -8.58 23.76
CA ILE A 4 -13.40 -9.57 23.24
C ILE A 4 -13.05 -9.98 21.83
N SER A 5 -13.65 -11.04 21.34
CA SER A 5 -13.54 -11.48 19.99
C SER A 5 -14.01 -10.40 18.99
N ALA A 6 -13.19 -10.16 17.99
CA ALA A 6 -13.57 -9.24 16.94
C ALA A 6 -14.72 -9.76 16.09
N LEU A 7 -14.88 -11.07 16.01
N LEU A 7 -15.06 -11.04 16.15
CA LEU A 7 -15.83 -11.65 15.04
CA LEU A 7 -16.30 -11.50 15.48
C LEU A 7 -17.27 -11.23 15.29
C LEU A 7 -17.55 -11.17 16.30
N ASN A 8 -17.54 -10.65 16.47
N ASN A 8 -17.32 -10.78 17.53
CA ASN A 8 -18.90 -10.24 16.87
CA ASN A 8 -18.41 -10.39 18.41
C ASN A 8 -18.88 -8.91 17.72
C ASN A 8 -18.39 -8.90 18.58
N ALA A 9 -17.77 -8.15 17.64
CA ALA A 9 -17.68 -6.73 17.97
C ALA A 9 -18.28 -5.77 16.91
N PRO A 10 -18.60 -4.57 17.34
CA PRO A 10 -19.23 -3.62 16.46
C PRO A 10 -18.36 -3.39 15.17
N GLN A 11 -19.05 -3.42 14.05
CA GLN A 11 -18.38 -3.42 12.75
C GLN A 11 -17.67 -2.12 12.50
N LEU A 12 -16.40 -2.27 12.17
CA LEU A 12 -15.56 -1.13 11.76
C LEU A 12 -16.01 -0.39 10.47
N ASP A 13 -16.33 -1.13 9.40
CA ASP A 13 -16.84 -0.44 8.21
C ASP A 13 -18.13 0.37 8.48
N GLN A 14 -19.01 -0.16 9.33
CA GLN A 14 -20.25 0.54 9.66
C GLN A 14 -20.06 1.84 10.43
N ARG A 15 -19.08 1.86 11.33
CA ARG A 15 -18.75 3.09 12.10
C ARG A 15 -18.40 4.24 11.17
N TYR A 16 -17.73 3.87 10.07
CA TYR A 16 -17.10 4.85 9.19
C TYR A 16 -17.81 4.99 7.83
N LYS A 17 -18.91 4.30 7.60
CA LYS A 17 -19.49 4.24 6.26
C LYS A 17 -19.97 5.53 5.61
N ASN A 18 -20.13 6.67 6.31
CA ASN A 18 -20.47 7.93 5.61
C ASN A 18 -19.22 8.75 5.38
N GLU A 19 -18.18 8.32 6.07
CA GLU A 19 -16.88 8.93 5.95
C GLU A 19 -16.19 8.31 4.74
N PHE A 20 -15.76 7.06 4.90
CA PHE A 20 -14.86 6.45 3.90
C PHE A 20 -14.96 4.95 3.99
N THR A 21 -14.68 4.20 2.92
CA THR A 21 -14.64 2.77 3.06
C THR A 21 -13.50 2.39 3.99
N ILE A 22 -13.55 1.16 4.48
CA ILE A 22 -12.54 0.59 5.39
C ILE A 22 -12.07 -0.71 4.74
N GLY A 23 -10.83 -0.72 4.29
CA GLY A 23 -10.34 -1.91 3.60
C GLY A 23 -9.25 -2.70 4.31
N ALA A 24 -8.96 -3.88 3.75
CA ALA A 24 -7.87 -4.75 4.17
C ALA A 24 -7.12 -5.33 2.98
N ALA A 25 -5.78 -5.49 3.11
CA ALA A 25 -4.98 -6.15 2.13
C ALA A 25 -4.90 -7.63 2.49
N VAL A 26 -5.06 -8.47 1.46
CA VAL A 26 -5.15 -9.89 1.66
C VAL A 26 -4.25 -10.76 0.75
N GLU A 27 -4.02 -11.98 1.19
CA GLU A 27 -3.45 -13.02 0.38
C GLU A 27 -4.53 -14.04 0.11
N PRO A 28 -4.43 -14.73 -0.99
CA PRO A 28 -5.49 -15.68 -1.27
C PRO A 28 -5.65 -16.78 -0.23
N TYR A 29 -4.57 -17.27 0.38
CA TYR A 29 -4.74 -18.28 1.42
C TYR A 29 -5.72 -17.75 2.48
N GLN A 30 -5.77 -16.44 2.70
CA GLN A 30 -6.69 -15.95 3.75
C GLN A 30 -8.16 -16.15 3.43
N LEU A 31 -8.47 -16.32 2.17
CA LEU A 31 -9.88 -16.58 1.76
C LEU A 31 -10.32 -18.02 2.02
N GLN A 32 -9.40 -18.86 2.41
CA GLN A 32 -9.73 -20.21 2.83
C GLN A 32 -9.61 -20.47 4.36
N ASN A 33 -9.32 -19.46 5.19
CA ASN A 33 -9.46 -19.57 6.69
C ASN A 33 -10.76 -18.94 7.09
N GLU A 34 -11.43 -19.66 7.99
CA GLU A 34 -12.68 -19.30 8.54
C GLU A 34 -12.55 -17.94 9.22
N LYS A 35 -11.56 -17.73 10.08
CA LYS A 35 -11.43 -16.52 10.87
C LYS A 35 -11.21 -15.31 10.01
N ASP A 36 -10.30 -15.40 9.00
CA ASP A 36 -10.04 -14.31 8.05
C ASP A 36 -11.30 -13.91 7.23
N VAL A 37 -12.01 -14.90 6.71
CA VAL A 37 -13.16 -14.73 5.93
C VAL A 37 -14.21 -14.01 6.79
N GLN A 38 -14.43 -14.50 7.99
N GLN A 38 -14.39 -14.55 7.99
CA GLN A 38 -15.41 -13.84 8.85
CA GLN A 38 -15.25 -13.96 9.03
C GLN A 38 -14.96 -12.42 9.27
C GLN A 38 -14.94 -12.48 9.28
N MET A 39 -13.66 -12.18 9.43
CA MET A 39 -13.22 -10.81 9.71
C MET A 39 -13.50 -9.92 8.49
N LEU A 40 -13.24 -10.40 7.28
CA LEU A 40 -13.46 -9.55 6.11
C LEU A 40 -14.95 -9.28 5.97
N LYS A 41 -15.75 -10.32 6.23
CA LYS A 41 -17.22 -10.16 6.13
C LYS A 41 -17.73 -9.22 7.15
N ARG A 42 -17.17 -9.28 8.36
CA ARG A 42 -17.68 -8.47 9.44
C ARG A 42 -17.30 -7.02 9.36
N HIS A 43 -16.03 -6.77 9.08
CA HIS A 43 -15.42 -5.48 9.37
C HIS A 43 -15.03 -4.62 8.19
N PHE A 44 -15.04 -5.15 6.96
CA PHE A 44 -14.45 -4.45 5.86
C PHE A 44 -15.39 -4.37 4.66
N ASN A 45 -15.27 -3.28 3.93
CA ASN A 45 -16.05 -3.14 2.68
C ASN A 45 -15.23 -2.73 1.49
N SER A 46 -13.92 -2.95 1.56
CA SER A 46 -13.00 -2.71 0.48
C SER A 46 -11.91 -3.74 0.68
N ILE A 47 -11.27 -4.15 -0.43
CA ILE A 47 -10.19 -5.14 -0.40
C ILE A 47 -9.11 -4.79 -1.47
N VAL A 48 -7.91 -5.30 -1.25
CA VAL A 48 -6.75 -5.09 -2.10
C VAL A 48 -5.88 -6.36 -1.94
N ALA A 49 -5.21 -6.74 -3.03
CA ALA A 49 -4.19 -7.81 -2.96
C ALA A 49 -2.88 -7.27 -2.43
N GLU A 50 -2.39 -7.90 -1.38
CA GLU A 50 -1.10 -7.58 -0.87
C GLU A 50 0.03 -7.88 -1.90
N ASN A 51 -0.10 -8.94 -2.72
CA ASN A 51 0.98 -9.38 -3.62
C ASN A 51 0.56 -9.87 -5.00
N VAL A 52 -0.57 -10.58 -5.09
CA VAL A 52 -0.85 -11.33 -6.32
C VAL A 52 -1.36 -10.51 -7.50
N MET A 53 -1.45 -9.18 -7.35
CA MET A 53 -1.74 -8.32 -8.49
C MET A 53 -0.59 -7.47 -8.95
N LYS A 54 0.59 -7.74 -8.37
CA LYS A 54 1.81 -7.09 -8.78
C LYS A 54 2.26 -7.61 -10.11
N PRO A 55 3.05 -6.83 -10.82
CA PRO A 55 3.45 -7.17 -12.20
C PRO A 55 4.06 -8.55 -12.38
N ILE A 56 4.98 -8.90 -11.50
CA ILE A 56 5.58 -10.21 -11.53
C ILE A 56 4.64 -11.37 -11.20
N SER A 57 3.57 -11.16 -10.41
CA SER A 57 2.60 -12.21 -10.15
C SER A 57 1.64 -12.37 -11.33
N ILE A 58 1.31 -11.26 -12.00
CA ILE A 58 0.43 -11.26 -13.19
C ILE A 58 1.07 -11.71 -14.51
N GLN A 59 2.20 -11.12 -14.86
CA GLN A 59 2.86 -11.47 -16.11
C GLN A 59 4.34 -11.83 -15.94
N PRO A 60 4.62 -12.97 -15.31
CA PRO A 60 5.98 -13.35 -14.96
C PRO A 60 6.89 -13.64 -16.15
N GLU A 61 6.31 -14.06 -17.29
CA GLU A 61 7.05 -14.16 -18.56
C GLU A 61 6.16 -13.48 -19.60
N GLU A 62 6.76 -12.82 -20.59
CA GLU A 62 5.93 -12.14 -21.61
C GLU A 62 4.94 -13.07 -22.30
N GLY A 63 3.67 -12.70 -22.25
CA GLY A 63 2.64 -13.50 -22.82
C GLY A 63 1.99 -14.46 -21.86
N LYS A 64 2.57 -14.67 -20.65
CA LYS A 64 2.03 -15.59 -19.70
C LYS A 64 1.39 -14.85 -18.55
N PHE A 65 0.08 -14.97 -18.46
CA PHE A 65 -0.71 -14.17 -17.58
C PHE A 65 -1.32 -15.09 -16.58
N ASN A 66 -1.07 -14.80 -15.31
N ASN A 66 -1.11 -14.80 -15.29
CA ASN A 66 -1.72 -15.53 -14.25
CA ASN A 66 -1.69 -15.60 -14.23
C ASN A 66 -2.76 -14.62 -13.54
C ASN A 66 -2.76 -14.81 -13.42
N PHE A 67 -4.02 -14.82 -13.88
CA PHE A 67 -5.13 -14.20 -13.12
C PHE A 67 -5.84 -15.12 -12.09
N GLU A 68 -5.34 -16.34 -11.89
N GLU A 68 -5.37 -16.35 -11.89
CA GLU A 68 -6.08 -17.28 -11.05
CA GLU A 68 -6.15 -17.24 -11.02
C GLU A 68 -6.23 -16.72 -9.62
C GLU A 68 -6.28 -16.65 -9.62
N GLN A 69 -5.16 -16.16 -9.08
CA GLN A 69 -5.14 -15.69 -7.67
C GLN A 69 -5.88 -14.38 -7.55
N ALA A 70 -5.58 -13.43 -8.43
CA ALA A 70 -6.38 -12.19 -8.52
C ALA A 70 -7.85 -12.46 -8.67
N ASP A 71 -8.22 -13.38 -9.57
CA ASP A 71 -9.64 -13.70 -9.79
C ASP A 71 -10.32 -14.08 -8.46
N ARG A 72 -9.63 -14.82 -7.60
CA ARG A 72 -10.25 -15.27 -6.37
C ARG A 72 -10.59 -14.10 -5.45
N ILE A 73 -9.71 -13.12 -5.40
CA ILE A 73 -9.94 -11.91 -4.62
C ILE A 73 -11.14 -11.12 -5.19
N VAL A 74 -11.16 -10.93 -6.52
CA VAL A 74 -12.26 -10.25 -7.19
C VAL A 74 -13.54 -10.96 -6.90
N LYS A 75 -13.54 -12.29 -6.95
CA LYS A 75 -14.80 -13.02 -6.77
C LYS A 75 -15.36 -12.91 -5.32
N PHE A 76 -14.49 -12.96 -4.34
CA PHE A 76 -14.89 -12.86 -2.94
C PHE A 76 -15.40 -11.45 -2.73
N ALA A 77 -14.76 -10.46 -3.32
CA ALA A 77 -15.22 -9.06 -3.14
C ALA A 77 -16.62 -8.85 -3.67
N LYS A 78 -16.87 -9.31 -4.88
CA LYS A 78 -18.21 -9.25 -5.47
C LYS A 78 -19.25 -10.01 -4.68
N ALA A 79 -18.96 -11.24 -4.28
CA ALA A 79 -19.91 -11.97 -3.47
C ALA A 79 -20.19 -11.29 -2.15
N ASN A 80 -19.32 -10.40 -1.68
CA ASN A 80 -19.59 -9.76 -0.40
C ASN A 80 -19.74 -8.27 -0.43
N GLY A 81 -19.97 -7.70 -1.61
CA GLY A 81 -20.34 -6.28 -1.73
C GLY A 81 -19.18 -5.34 -1.45
N MET A 82 -17.92 -5.78 -1.61
CA MET A 82 -16.73 -4.96 -1.34
C MET A 82 -16.23 -4.21 -2.57
N ASP A 83 -15.76 -3.00 -2.37
CA ASP A 83 -14.94 -2.34 -3.36
C ASP A 83 -13.59 -3.09 -3.54
N ILE A 84 -12.92 -2.85 -4.66
CA ILE A 84 -11.64 -3.48 -4.91
C ILE A 84 -10.66 -2.43 -5.35
N ARG A 85 -9.42 -2.50 -4.86
CA ARG A 85 -8.35 -1.70 -5.42
C ARG A 85 -7.33 -2.60 -6.12
N PHE A 86 -6.83 -2.13 -7.26
CA PHE A 86 -5.70 -2.78 -7.92
C PHE A 86 -4.34 -2.27 -7.58
N HIS A 87 -3.57 -3.16 -6.92
CA HIS A 87 -2.21 -2.91 -6.54
C HIS A 87 -1.29 -3.94 -7.17
N THR A 88 -0.43 -3.56 -8.14
CA THR A 88 -0.35 -2.22 -8.80
C THR A 88 0.18 -2.41 -10.21
N LEU A 89 -0.12 -1.49 -11.13
CA LEU A 89 0.18 -1.76 -12.54
C LEU A 89 1.66 -1.64 -12.89
N VAL A 90 2.34 -0.68 -12.24
CA VAL A 90 3.77 -0.35 -12.45
C VAL A 90 4.49 -0.08 -11.13
N TRP A 91 5.61 -0.79 -10.96
CA TRP A 91 6.51 -0.59 -9.83
C TRP A 91 7.96 -0.99 -10.21
N HIS A 92 8.96 -0.46 -9.50
CA HIS A 92 10.37 -0.76 -9.78
C HIS A 92 10.81 -2.00 -9.04
N SER A 93 9.91 -2.53 -8.23
CA SER A 93 10.13 -3.78 -7.55
C SER A 93 9.07 -4.84 -7.90
N GLN A 94 9.30 -6.09 -7.55
CA GLN A 94 8.38 -7.16 -7.89
C GLN A 94 7.86 -6.94 -9.30
N VAL A 95 8.84 -6.73 -10.18
CA VAL A 95 8.72 -6.58 -11.60
C VAL A 95 9.65 -7.53 -12.32
N PRO A 96 9.13 -8.13 -13.37
CA PRO A 96 9.83 -9.15 -14.16
C PRO A 96 10.92 -8.54 -15.04
N GLN A 97 12.09 -9.17 -15.01
CA GLN A 97 13.27 -8.69 -15.74
C GLN A 97 13.00 -8.60 -17.22
N TRP A 98 12.17 -9.50 -17.78
CA TRP A 98 11.94 -9.56 -19.23
C TRP A 98 11.54 -8.21 -19.79
N PHE A 99 10.83 -7.39 -19.01
CA PHE A 99 10.43 -6.06 -19.46
C PHE A 99 11.58 -5.18 -19.97
N PHE A 100 12.74 -5.28 -19.33
CA PHE A 100 13.84 -4.32 -19.55
C PHE A 100 15.01 -4.91 -20.39
N LEU A 101 14.83 -6.10 -20.97
CA LEU A 101 15.79 -6.70 -21.91
C LEU A 101 15.51 -6.30 -23.34
N ASP A 102 16.53 -5.84 -24.07
CA ASP A 102 16.41 -5.55 -25.53
C ASP A 102 16.20 -6.82 -26.37
N LYS A 103 16.20 -6.67 -27.70
CA LYS A 103 15.84 -7.80 -28.60
C LYS A 103 16.80 -8.97 -28.56
N GLU A 104 18.05 -8.71 -28.17
CA GLU A 104 19.05 -9.78 -28.06
C GLU A 104 19.29 -10.20 -26.64
N GLY A 105 18.39 -9.85 -25.72
CA GLY A 105 18.48 -10.35 -24.34
C GLY A 105 19.44 -9.57 -23.42
N LYS A 106 19.89 -8.42 -23.88
CA LYS A 106 20.84 -7.60 -23.10
C LYS A 106 20.10 -6.53 -22.29
N PRO A 107 20.60 -6.17 -21.10
CA PRO A 107 19.91 -5.11 -20.38
C PRO A 107 19.84 -3.86 -21.19
N MET A 108 18.66 -3.23 -21.24
CA MET A 108 18.46 -1.96 -21.93
C MET A 108 19.18 -0.76 -21.26
N VAL A 109 19.35 -0.82 -19.94
CA VAL A 109 19.99 0.28 -19.21
C VAL A 109 21.44 0.50 -19.73
N ASN A 110 22.09 -0.58 -20.13
CA ASN A 110 23.45 -0.59 -20.67
C ASN A 110 23.64 0.04 -22.07
N GLU A 111 22.58 0.13 -22.89
CA GLU A 111 22.73 0.62 -24.26
C GLU A 111 23.23 2.06 -24.34
N THR A 112 24.30 2.27 -25.13
CA THR A 112 24.96 3.58 -25.30
C THR A 112 24.52 4.31 -26.58
N ASP A 113 24.19 3.56 -27.63
CA ASP A 113 23.84 4.18 -28.90
C ASP A 113 22.51 4.89 -28.73
N PRO A 114 22.42 6.19 -29.08
CA PRO A 114 21.18 6.98 -28.86
C PRO A 114 19.93 6.58 -29.67
N VAL A 115 20.06 6.09 -30.90
CA VAL A 115 18.89 5.68 -31.70
C VAL A 115 18.38 4.29 -31.22
N LYS A 116 19.31 3.52 -30.65
CA LYS A 116 19.01 2.20 -30.06
C LYS A 116 18.33 2.35 -28.70
N ARG A 117 18.66 3.42 -27.98
CA ARG A 117 17.98 3.77 -26.73
C ARG A 117 16.54 4.16 -27.04
N GLU A 118 16.33 4.96 -28.08
CA GLU A 118 14.99 5.41 -28.41
C GLU A 118 14.16 4.21 -28.91
N GLN A 119 14.79 3.19 -29.45
CA GLN A 119 14.04 2.00 -29.87
C GLN A 119 13.58 1.22 -28.64
N ASN A 120 14.41 1.22 -27.60
CA ASN A 120 14.15 0.49 -26.40
C ASN A 120 13.07 1.18 -25.62
N LYS A 121 13.09 2.50 -25.66
CA LYS A 121 12.09 3.27 -24.97
C LYS A 121 10.76 2.84 -25.56
N GLN A 122 10.68 2.80 -26.86
CA GLN A 122 9.40 2.57 -27.49
C GLN A 122 8.96 1.13 -27.27
N LEU A 123 9.89 0.19 -27.31
CA LEU A 123 9.60 -1.18 -27.03
C LEU A 123 9.06 -1.37 -25.58
N LEU A 124 9.72 -0.76 -24.61
CA LEU A 124 9.32 -0.85 -23.22
C LEU A 124 7.95 -0.19 -23.00
N LEU A 125 7.71 0.92 -23.67
CA LEU A 125 6.44 1.55 -23.56
C LEU A 125 5.34 0.73 -24.21
N LYS A 126 5.66 0.00 -25.29
CA LYS A 126 4.70 -0.92 -25.91
C LYS A 126 4.39 -2.10 -24.96
N ARG A 127 5.40 -2.70 -24.39
CA ARG A 127 5.18 -3.72 -23.37
C ARG A 127 4.31 -3.22 -22.18
N LEU A 128 4.60 -2.01 -21.70
CA LEU A 128 3.91 -1.44 -20.59
C LEU A 128 2.48 -1.34 -20.99
N GLU A 129 2.24 -0.75 -22.15
CA GLU A 129 0.85 -0.61 -22.65
C GLU A 129 0.07 -1.97 -22.72
N THR A 130 0.72 -3.01 -23.23
CA THR A 130 0.05 -4.31 -23.35
C THR A 130 -0.29 -4.99 -21.99
N HIS A 131 0.65 -4.88 -21.07
CA HIS A 131 0.44 -5.36 -19.72
C HIS A 131 -0.81 -4.70 -19.11
N ILE A 132 -0.89 -3.39 -19.21
CA ILE A 132 -2.01 -2.61 -18.64
C ILE A 132 -3.30 -2.96 -19.33
N LYS A 133 -3.26 -2.96 -20.67
CA LYS A 133 -4.45 -3.26 -21.47
C LYS A 133 -5.05 -4.58 -21.08
N THR A 134 -4.22 -5.60 -20.98
CA THR A 134 -4.74 -6.94 -20.71
C THR A 134 -5.40 -7.00 -19.33
N ILE A 135 -4.79 -6.38 -18.33
CA ILE A 135 -5.33 -6.35 -16.98
C ILE A 135 -6.62 -5.51 -16.91
N VAL A 136 -6.60 -4.34 -17.50
CA VAL A 136 -7.76 -3.49 -17.42
C VAL A 136 -8.92 -4.00 -18.24
N GLU A 137 -8.61 -4.61 -19.36
CA GLU A 137 -9.70 -5.18 -20.15
C GLU A 137 -10.36 -6.26 -19.41
N ARG A 138 -9.65 -7.00 -18.57
CA ARG A 138 -10.29 -8.07 -17.84
C ARG A 138 -11.14 -7.58 -16.62
N TYR A 139 -10.61 -6.61 -15.87
CA TYR A 139 -11.18 -6.16 -14.59
C TYR A 139 -11.94 -4.82 -14.56
N LYS A 140 -12.01 -4.08 -15.67
CA LYS A 140 -12.56 -2.73 -15.67
C LYS A 140 -13.98 -2.57 -15.12
N ASP A 141 -14.81 -3.60 -15.21
CA ASP A 141 -16.16 -3.57 -14.68
C ASP A 141 -16.23 -4.02 -13.24
N ASP A 142 -15.19 -4.59 -12.68
CA ASP A 142 -15.20 -5.08 -11.28
C ASP A 142 -14.38 -4.19 -10.31
N ILE A 143 -13.37 -3.51 -10.80
CA ILE A 143 -12.37 -2.88 -9.95
C ILE A 143 -12.42 -1.40 -10.15
N LYS A 144 -12.79 -0.67 -9.10
CA LYS A 144 -13.05 0.73 -9.26
C LYS A 144 -11.82 1.58 -9.04
N TYR A 145 -10.87 1.16 -8.16
CA TYR A 145 -9.70 1.98 -7.82
C TYR A 145 -8.42 1.29 -8.23
N TRP A 146 -7.49 2.05 -8.82
CA TRP A 146 -6.31 1.50 -9.42
C TRP A 146 -5.06 2.23 -9.00
N ASP A 147 -4.08 1.54 -8.38
CA ASP A 147 -2.67 2.05 -8.21
C ASP A 147 -2.01 1.93 -9.61
N VAL A 148 -2.10 2.97 -10.44
CA VAL A 148 -1.45 2.91 -11.76
C VAL A 148 0.06 2.87 -11.66
N VAL A 149 0.62 3.81 -10.89
CA VAL A 149 2.03 3.77 -10.57
C VAL A 149 2.29 3.84 -9.07
N ASN A 150 3.38 3.20 -8.67
CA ASN A 150 3.79 3.07 -7.26
C ASN A 150 5.26 3.58 -7.05
N GLN A 151 5.47 4.50 -6.13
CA GLN A 151 6.82 4.88 -5.70
C GLN A 151 7.64 5.46 -6.82
N VAL A 152 7.11 6.41 -7.59
CA VAL A 152 7.89 6.87 -8.73
C VAL A 152 8.76 8.11 -8.43
N VAL A 153 8.56 8.69 -7.26
CA VAL A 153 9.34 9.80 -6.76
C VAL A 153 10.29 9.29 -5.67
N GLY A 154 11.61 9.48 -5.86
CA GLY A 154 12.57 9.22 -4.82
C GLY A 154 12.39 10.08 -3.55
N ASP A 155 13.03 9.62 -2.49
CA ASP A 155 13.04 10.29 -1.19
C ASP A 155 13.91 11.60 -1.18
N ASP A 156 14.89 11.64 -2.11
CA ASP A 156 15.68 12.84 -2.39
C ASP A 156 14.91 13.91 -3.19
N GLY A 157 13.65 13.67 -3.51
CA GLY A 157 12.79 14.67 -4.18
C GLY A 157 12.94 14.66 -5.69
N LYS A 158 13.81 13.79 -6.17
CA LYS A 158 13.98 13.63 -7.60
C LYS A 158 13.16 12.39 -8.08
N LEU A 159 12.81 12.31 -9.35
CA LEU A 159 12.14 11.11 -9.89
C LEU A 159 13.03 9.90 -9.60
N ARG A 160 12.44 8.83 -9.07
CA ARG A 160 13.21 7.64 -8.75
C ARG A 160 13.87 7.08 -10.01
N ASN A 161 15.17 6.83 -9.92
CA ASN A 161 15.94 6.47 -11.10
C ASN A 161 15.87 4.98 -11.36
N SER A 162 14.65 4.45 -11.46
CA SER A 162 14.45 3.03 -11.82
C SER A 162 14.70 2.78 -13.29
N PRO A 163 14.78 1.50 -13.64
CA PRO A 163 14.90 1.13 -15.03
C PRO A 163 13.84 1.75 -15.90
N TRP A 164 12.58 1.76 -15.42
CA TRP A 164 11.48 2.51 -16.06
C TRP A 164 11.96 3.92 -16.43
N TYR A 165 12.59 4.64 -15.47
CA TYR A 165 13.00 5.99 -15.72
C TYR A 165 14.28 6.04 -16.55
N GLN A 166 15.28 5.21 -16.28
CA GLN A 166 16.56 5.29 -17.01
C GLN A 166 16.24 5.05 -18.47
N ILE A 167 15.40 4.05 -18.76
CA ILE A 167 15.15 3.65 -20.13
C ILE A 167 14.16 4.54 -20.92
N ALA A 168 13.13 5.04 -20.25
CA ALA A 168 12.04 5.67 -20.95
C ALA A 168 11.74 7.07 -20.50
N GLY A 169 12.44 7.55 -19.48
CA GLY A 169 12.19 8.88 -18.98
C GLY A 169 10.79 8.96 -18.39
N ILE A 170 10.30 10.17 -18.23
CA ILE A 170 9.01 10.44 -17.58
C ILE A 170 7.80 9.95 -18.39
N ASP A 171 7.98 9.62 -19.66
CA ASP A 171 6.85 9.14 -20.49
C ASP A 171 6.19 7.83 -19.93
N TYR A 172 6.93 7.03 -19.14
CA TYR A 172 6.40 5.74 -18.61
C TYR A 172 5.23 6.00 -17.68
N ILE A 173 5.33 7.08 -16.93
CA ILE A 173 4.24 7.47 -16.04
C ILE A 173 3.03 7.87 -16.81
N LYS A 174 3.26 8.71 -17.81
CA LYS A 174 2.17 9.24 -18.67
C LYS A 174 1.44 8.16 -19.44
N VAL A 175 2.21 7.22 -19.98
CA VAL A 175 1.70 6.14 -20.82
C VAL A 175 0.91 5.20 -19.91
N ALA A 176 1.38 4.99 -18.68
CA ALA A 176 0.66 4.13 -17.76
C ALA A 176 -0.73 4.66 -17.49
N PHE A 177 -0.84 5.91 -17.09
CA PHE A 177 -2.15 6.52 -16.84
C PHE A 177 -3.04 6.59 -18.09
N GLN A 178 -2.48 6.98 -19.23
CA GLN A 178 -3.24 7.08 -20.46
C GLN A 178 -3.79 5.71 -20.91
N ALA A 179 -2.95 4.69 -20.74
CA ALA A 179 -3.34 3.36 -21.11
C ALA A 179 -4.49 2.91 -20.18
N ALA A 180 -4.37 3.14 -18.87
CA ALA A 180 -5.46 2.66 -17.96
C ALA A 180 -6.80 3.30 -18.37
N ARG A 181 -6.77 4.60 -18.64
CA ARG A 181 -8.00 5.33 -19.00
C ARG A 181 -8.58 4.83 -20.31
N LYS A 182 -7.73 4.59 -21.27
CA LYS A 182 -8.23 4.22 -22.61
C LYS A 182 -8.98 2.86 -22.63
N TYR A 183 -8.42 1.87 -21.94
CA TYR A 183 -8.98 0.51 -21.88
C TYR A 183 -10.02 0.36 -20.75
N GLY A 184 -9.95 1.21 -19.74
CA GLY A 184 -10.84 1.09 -18.58
C GLY A 184 -12.06 2.01 -18.57
N GLY A 185 -12.01 3.07 -19.38
CA GLY A 185 -13.07 4.07 -19.42
C GLY A 185 -12.96 5.11 -18.31
N ASP A 186 -13.98 5.95 -18.24
CA ASP A 186 -14.01 7.10 -17.39
C ASP A 186 -14.40 6.79 -15.95
N ASN A 187 -14.98 5.62 -15.75
CA ASN A 187 -15.51 5.23 -14.45
C ASN A 187 -14.58 4.51 -13.47
N ILE A 188 -13.35 4.15 -13.90
CA ILE A 188 -12.35 3.66 -13.00
C ILE A 188 -11.53 4.87 -12.54
N LYS A 189 -10.94 4.78 -11.35
CA LYS A 189 -10.29 5.91 -10.73
C LYS A 189 -8.87 5.58 -10.61
N LEU A 190 -8.02 6.51 -11.08
CA LEU A 190 -6.59 6.25 -11.30
C LEU A 190 -5.70 7.00 -10.27
N TYR A 191 -4.86 6.26 -9.55
CA TYR A 191 -4.03 6.80 -8.46
C TYR A 191 -2.54 6.63 -8.68
N MET A 192 -1.80 7.60 -8.13
CA MET A 192 -0.37 7.51 -7.88
C MET A 192 -0.18 7.24 -6.38
N ASN A 193 0.60 6.21 -6.09
CA ASN A 193 0.70 5.66 -4.73
C ASN A 193 2.15 5.78 -4.28
N ASP A 194 2.36 6.26 -3.04
CA ASP A 194 3.72 6.38 -2.51
C ASP A 194 3.72 6.44 -0.99
N TYR A 195 4.90 6.27 -0.42
CA TYR A 195 5.11 6.32 1.05
C TYR A 195 5.87 7.58 1.38
N ASN A 196 5.88 7.97 2.66
CA ASN A 196 6.48 9.25 3.10
C ASN A 196 6.00 10.42 2.26
N THR A 197 4.73 10.39 1.95
CA THR A 197 4.09 11.47 1.17
C THR A 197 4.06 12.73 2.01
N GLU A 198 4.16 12.56 3.32
CA GLU A 198 4.13 13.67 4.28
C GLU A 198 5.47 14.39 4.44
N VAL A 199 6.54 13.88 3.82
CA VAL A 199 7.93 14.29 4.17
C VAL A 199 8.61 15.13 3.09
N GLU A 200 9.20 16.28 3.44
CA GLU A 200 10.01 17.02 2.42
C GLU A 200 11.43 16.47 2.12
N PRO A 201 11.92 16.69 0.90
CA PRO A 201 11.39 17.34 -0.30
C PRO A 201 10.43 16.43 -1.20
N LYS A 202 10.17 15.18 -0.76
CA LYS A 202 9.28 14.24 -1.54
C LYS A 202 7.86 14.75 -1.71
N ARG A 203 7.25 15.26 -0.65
CA ARG A 203 5.90 15.81 -0.75
C ARG A 203 5.74 16.85 -1.87
N THR A 204 6.67 17.81 -1.93
CA THR A 204 6.54 18.89 -2.89
C THR A 204 6.89 18.38 -4.28
N ALA A 205 7.88 17.50 -4.37
CA ALA A 205 8.21 16.85 -5.61
C ALA A 205 7.00 16.03 -6.16
N LEU A 206 6.35 15.28 -5.30
CA LEU A 206 5.12 14.56 -5.67
C LEU A 206 4.07 15.54 -6.22
N TYR A 207 3.88 16.61 -5.46
CA TYR A 207 2.93 17.66 -5.76
C TYR A 207 3.24 18.33 -7.11
N ASN A 208 4.49 18.72 -7.33
CA ASN A 208 4.80 19.37 -8.59
C ASN A 208 4.63 18.35 -9.75
N LEU A 209 4.93 17.09 -9.51
CA LEU A 209 4.82 16.11 -10.59
C LEU A 209 3.38 15.95 -11.06
N VAL A 210 2.48 15.80 -10.11
N VAL A 210 2.45 15.79 -10.12
CA VAL A 210 1.09 15.53 -10.42
CA VAL A 210 1.05 15.52 -10.53
C VAL A 210 0.41 16.76 -11.05
C VAL A 210 0.35 16.78 -11.05
N LYS A 211 0.78 17.96 -10.57
CA LYS A 211 0.20 19.21 -11.11
C LYS A 211 0.58 19.37 -12.59
N GLN A 212 1.86 19.16 -12.90
CA GLN A 212 2.39 19.15 -14.26
C GLN A 212 1.63 18.14 -15.14
N LEU A 213 1.57 16.89 -14.71
CA LEU A 213 0.89 15.87 -15.51
C LEU A 213 -0.57 16.21 -15.78
N LYS A 214 -1.26 16.66 -14.75
CA LYS A 214 -2.65 17.09 -14.90
C LYS A 214 -2.79 18.27 -15.91
N GLU A 215 -1.85 19.21 -15.85
CA GLU A 215 -1.79 20.32 -16.80
C GLU A 215 -1.60 19.81 -18.23
N GLU A 216 -0.83 18.74 -18.40
CA GLU A 216 -0.60 18.15 -19.74
C GLU A 216 -1.71 17.21 -20.23
N GLY A 217 -2.85 17.15 -19.53
CA GLY A 217 -3.99 16.24 -19.87
C GLY A 217 -3.80 14.77 -19.45
N VAL A 218 -2.78 14.46 -18.62
CA VAL A 218 -2.56 13.08 -18.16
C VAL A 218 -3.61 12.78 -17.10
N PRO A 219 -4.44 11.73 -17.31
CA PRO A 219 -5.55 11.43 -16.39
C PRO A 219 -5.09 10.89 -15.00
N ILE A 220 -5.27 11.64 -13.94
CA ILE A 220 -4.90 11.21 -12.56
C ILE A 220 -6.02 11.69 -11.65
N ASP A 221 -6.73 10.77 -11.01
CA ASP A 221 -7.82 11.12 -10.08
C ASP A 221 -7.38 11.27 -8.61
N GLY A 222 -6.33 10.58 -8.20
CA GLY A 222 -5.90 10.79 -6.85
C GLY A 222 -4.53 10.33 -6.46
N ILE A 223 -4.26 10.48 -5.16
CA ILE A 223 -3.03 10.06 -4.52
C ILE A 223 -3.33 9.00 -3.47
N GLY A 224 -2.48 7.95 -3.45
CA GLY A 224 -2.49 6.87 -2.49
C GLY A 224 -1.40 7.12 -1.49
N HIS A 225 -1.79 7.38 -0.25
CA HIS A 225 -0.81 7.58 0.83
C HIS A 225 -0.59 6.25 1.52
N GLN A 226 0.54 5.64 1.32
CA GLN A 226 0.71 4.27 1.85
C GLN A 226 0.57 4.24 3.38
N SER A 227 1.08 5.27 4.03
CA SER A 227 0.91 5.41 5.46
C SER A 227 1.47 4.26 6.34
N HIS A 228 2.66 3.80 6.01
CA HIS A 228 3.44 2.90 6.82
C HIS A 228 4.16 3.81 7.87
N ILE A 229 3.53 4.02 9.01
CA ILE A 229 3.96 5.06 9.93
C ILE A 229 4.24 4.44 11.31
N GLN A 230 4.55 5.31 12.25
CA GLN A 230 5.03 4.94 13.58
C GLN A 230 4.10 5.58 14.55
N ILE A 231 4.30 5.25 15.83
CA ILE A 231 3.56 5.90 16.91
C ILE A 231 3.66 7.45 16.98
N GLY A 232 4.85 8.01 16.86
CA GLY A 232 5.04 9.47 16.89
C GLY A 232 5.05 10.12 15.50
N TRP A 233 5.77 9.50 14.57
CA TRP A 233 6.09 10.10 13.27
C TRP A 233 5.29 9.41 12.14
N PRO A 234 4.78 10.20 11.17
CA PRO A 234 4.82 11.64 11.14
C PRO A 234 3.68 12.20 11.94
N SER A 235 3.78 13.48 12.28
CA SER A 235 2.80 14.09 13.09
C SER A 235 1.54 14.24 12.29
N GLU A 236 0.49 14.33 13.06
CA GLU A 236 -0.83 14.57 12.54
C GLU A 236 -0.95 15.91 11.82
N ALA A 237 -0.34 16.96 12.35
CA ALA A 237 -0.35 18.23 11.64
C ALA A 237 0.24 18.06 10.24
N GLU A 238 1.35 17.32 10.10
CA GLU A 238 1.94 17.13 8.80
C GLU A 238 1.11 16.20 7.90
N ILE A 239 0.36 15.24 8.49
CA ILE A 239 -0.54 14.43 7.69
C ILE A 239 -1.62 15.33 7.11
N GLU A 240 -2.16 16.20 7.97
CA GLU A 240 -3.27 17.08 7.63
C GLU A 240 -2.94 18.06 6.55
N LYS A 241 -1.74 18.63 6.65
CA LYS A 241 -1.20 19.48 5.64
C LYS A 241 -1.03 18.76 4.31
N THR A 242 -0.49 17.54 4.36
CA THR A 242 -0.33 16.73 3.15
C THR A 242 -1.66 16.46 2.43
N ILE A 243 -2.64 16.01 3.20
CA ILE A 243 -3.92 15.65 2.62
C ILE A 243 -4.47 16.94 1.96
N ASN A 244 -4.35 18.07 2.63
CA ASN A 244 -4.98 19.30 2.13
C ASN A 244 -4.28 19.79 0.91
N MET A 245 -2.98 19.68 0.89
CA MET A 245 -2.24 20.12 -0.25
C MET A 245 -2.77 19.39 -1.52
N PHE A 246 -2.87 18.06 -1.50
CA PHE A 246 -3.30 17.35 -2.70
C PHE A 246 -4.76 17.57 -3.01
N ALA A 247 -5.59 17.69 -1.98
CA ALA A 247 -6.99 17.98 -2.23
C ALA A 247 -7.16 19.35 -2.96
N ALA A 248 -6.22 20.28 -2.75
CA ALA A 248 -6.28 21.59 -3.42
C ALA A 248 -6.14 21.43 -4.90
N LEU A 249 -5.47 20.39 -5.37
CA LEU A 249 -5.43 20.17 -6.82
C LEU A 249 -6.63 19.47 -7.40
N GLY A 250 -7.70 19.27 -6.64
CA GLY A 250 -8.82 18.43 -7.09
C GLY A 250 -8.57 16.91 -7.09
N LEU A 251 -7.52 16.44 -6.41
CA LEU A 251 -7.25 15.00 -6.29
C LEU A 251 -7.96 14.43 -5.07
N ASP A 252 -8.62 13.27 -5.23
CA ASP A 252 -8.99 12.32 -4.10
C ASP A 252 -7.74 11.82 -3.32
N ASN A 253 -7.93 11.46 -2.06
CA ASN A 253 -6.86 10.88 -1.24
C ASN A 253 -7.35 9.50 -0.72
N GLN A 254 -6.50 8.50 -0.81
CA GLN A 254 -6.78 7.24 -0.14
C GLN A 254 -5.62 6.94 0.74
N ILE A 255 -5.93 6.45 1.91
CA ILE A 255 -4.94 5.92 2.79
C ILE A 255 -4.87 4.44 2.45
N THR A 256 -3.82 4.01 1.73
CA THR A 256 -3.86 2.75 1.00
C THR A 256 -3.17 1.56 1.70
N GLU A 257 -2.23 1.81 2.62
CA GLU A 257 -1.51 0.69 3.29
C GLU A 257 -1.22 0.98 4.80
N LEU A 258 -2.25 1.42 5.51
CA LEU A 258 -2.05 1.83 6.90
C LEU A 258 -1.55 0.70 7.77
N ASP A 259 -0.42 0.93 8.42
CA ASP A 259 -0.10 0.20 9.64
C ASP A 259 0.67 1.13 10.60
N VAL A 260 0.55 0.85 11.88
CA VAL A 260 1.22 1.67 12.93
C VAL A 260 2.18 0.78 13.67
N SER A 261 3.41 0.78 13.22
CA SER A 261 4.44 -0.01 13.83
C SER A 261 4.65 0.32 15.31
N MET A 262 5.12 -0.66 16.06
CA MET A 262 5.47 -0.45 17.45
C MET A 262 6.85 0.17 17.57
N TYR A 263 7.57 0.29 16.46
CA TYR A 263 8.96 0.61 16.49
C TYR A 263 9.34 1.84 15.66
N GLY A 264 10.61 2.19 15.76
CA GLY A 264 11.19 3.28 15.00
C GLY A 264 11.73 2.78 13.69
N TRP A 265 12.78 3.45 13.24
CA TRP A 265 13.38 3.21 11.94
C TRP A 265 14.86 3.55 12.07
N PRO A 266 15.79 2.60 11.79
CA PRO A 266 15.56 1.15 11.55
C PRO A 266 15.00 0.48 12.82
N PRO A 267 14.04 -0.43 12.67
CA PRO A 267 13.36 -0.85 13.84
C PRO A 267 14.20 -1.84 14.69
N ARG A 268 14.05 -1.71 16.01
CA ARG A 268 14.60 -2.71 16.95
C ARG A 268 13.43 -3.43 17.62
N ALA A 269 13.12 -4.61 17.12
CA ALA A 269 11.89 -5.26 17.49
C ALA A 269 12.05 -6.23 18.63
N TYR A 270 10.93 -6.51 19.30
CA TYR A 270 10.87 -7.66 20.20
C TYR A 270 10.83 -8.93 19.36
N PRO A 271 11.30 -10.06 19.93
CA PRO A 271 11.42 -11.30 19.20
C PRO A 271 10.08 -12.03 19.09
N THR A 272 9.13 -11.73 19.99
CA THR A 272 7.79 -12.34 20.00
C THR A 272 6.71 -11.29 20.36
N TYR A 273 5.46 -11.59 19.99
CA TYR A 273 4.34 -10.76 20.37
C TYR A 273 4.29 -10.62 21.87
N ASP A 274 4.44 -11.73 22.57
CA ASP A 274 4.27 -11.78 24.05
C ASP A 274 5.17 -10.82 24.80
N ALA A 275 6.37 -10.58 24.25
CA ALA A 275 7.35 -9.65 24.85
C ALA A 275 7.01 -8.17 24.77
N ILE A 276 6.11 -7.80 23.82
CA ILE A 276 5.78 -6.38 23.61
C ILE A 276 5.06 -5.81 24.86
N PRO A 277 5.59 -4.77 25.49
CA PRO A 277 4.98 -4.42 26.74
C PRO A 277 3.62 -3.75 26.61
N LYS A 278 2.80 -3.85 27.64
CA LYS A 278 1.41 -3.34 27.57
C LYS A 278 1.33 -1.87 27.20
N GLN A 279 2.21 -1.05 27.78
CA GLN A 279 2.15 0.39 27.54
C GLN A 279 2.28 0.74 26.02
N LYS A 280 2.93 -0.12 25.23
CA LYS A 280 3.07 0.10 23.80
C LYS A 280 1.71 0.05 23.12
N PHE A 281 0.82 -0.79 23.61
CA PHE A 281 -0.50 -0.90 23.06
C PHE A 281 -1.34 0.32 23.37
N LEU A 282 -1.11 0.96 24.52
CA LEU A 282 -1.87 2.18 24.94
C LEU A 282 -1.37 3.38 24.16
N ASP A 283 -0.06 3.48 23.98
CA ASP A 283 0.49 4.50 23.11
C ASP A 283 -0.06 4.38 21.66
N GLN A 284 -0.02 3.17 21.14
CA GLN A 284 -0.54 2.90 19.78
C GLN A 284 -1.99 3.35 19.70
N ALA A 285 -2.77 2.99 20.73
CA ALA A 285 -4.18 3.30 20.73
C ALA A 285 -4.43 4.84 20.73
N ALA A 286 -3.59 5.60 21.44
CA ALA A 286 -3.76 7.07 21.39
C ALA A 286 -3.33 7.64 20.01
N ARG A 287 -2.30 7.04 19.40
CA ARG A 287 -1.92 7.43 18.06
C ARG A 287 -3.12 7.15 17.10
N TYR A 288 -3.69 5.97 17.16
CA TYR A 288 -4.81 5.65 16.26
C TYR A 288 -6.05 6.54 16.54
N ASP A 289 -6.28 6.85 17.79
CA ASP A 289 -7.34 7.80 18.18
C ASP A 289 -7.16 9.13 17.49
N ARG A 290 -5.96 9.73 17.56
CA ARG A 290 -5.67 11.01 16.91
C ARG A 290 -5.77 10.89 15.39
N LEU A 291 -5.29 9.78 14.90
CA LEU A 291 -5.23 9.55 13.49
C LEU A 291 -6.55 9.53 12.84
N PHE A 292 -7.47 8.72 13.36
CA PHE A 292 -8.77 8.57 12.80
C PHE A 292 -9.69 9.76 13.11
N LYS A 293 -9.41 10.52 14.16
CA LYS A 293 -10.07 11.80 14.36
C LYS A 293 -9.69 12.72 13.21
N LEU A 294 -8.41 12.70 12.80
CA LEU A 294 -7.98 13.51 11.67
C LEU A 294 -8.62 13.04 10.34
N TYR A 295 -8.58 11.75 10.06
CA TYR A 295 -9.29 11.21 8.88
C TYR A 295 -10.74 11.61 8.84
N GLU A 296 -11.46 11.46 9.94
CA GLU A 296 -12.83 11.97 9.98
C GLU A 296 -12.98 13.48 9.67
N LYS A 297 -12.15 14.31 10.28
CA LYS A 297 -12.21 15.74 10.03
C LYS A 297 -12.05 15.97 8.51
N LEU A 298 -11.14 15.24 7.88
CA LEU A 298 -10.94 15.41 6.46
C LEU A 298 -11.74 14.42 5.59
N SER A 299 -12.88 13.94 6.10
CA SER A 299 -13.58 12.87 5.41
C SER A 299 -14.03 13.35 4.06
N ASP A 300 -14.13 14.64 3.81
CA ASP A 300 -14.68 15.01 2.50
C ASP A 300 -13.56 14.95 1.43
N LYS A 301 -12.34 14.71 1.87
CA LYS A 301 -11.20 14.59 1.00
C LYS A 301 -10.57 13.18 0.91
N ILE A 302 -11.14 12.22 1.62
CA ILE A 302 -10.63 10.85 1.73
C ILE A 302 -11.72 9.88 1.43
N SER A 303 -11.59 9.08 0.39
CA SER A 303 -12.65 8.06 0.00
C SER A 303 -12.44 6.67 0.68
N ASN A 304 -11.22 6.43 1.15
CA ASN A 304 -10.84 5.11 1.64
C ASN A 304 -9.68 5.15 2.56
N VAL A 305 -9.79 4.32 3.58
CA VAL A 305 -8.68 3.99 4.49
C VAL A 305 -8.52 2.46 4.48
N THR A 306 -7.39 1.96 3.98
CA THR A 306 -7.14 0.53 3.95
C THR A 306 -5.94 0.19 4.80
N PHE A 307 -6.12 -0.80 5.65
CA PHE A 307 -5.07 -1.38 6.55
C PHE A 307 -4.31 -2.43 5.77
N TRP A 308 -2.99 -2.45 5.89
CA TRP A 308 -2.21 -3.39 5.10
C TRP A 308 -2.12 -4.73 5.81
N GLY A 309 -3.30 -5.27 6.12
CA GLY A 309 -3.49 -6.62 6.62
C GLY A 309 -4.80 -6.67 7.37
N ILE A 310 -5.10 -7.83 7.96
CA ILE A 310 -6.33 -8.05 8.71
C ILE A 310 -6.10 -8.00 10.24
N ALA A 311 -5.23 -8.88 10.74
CA ALA A 311 -4.96 -8.96 12.17
C ALA A 311 -3.54 -9.26 12.44
N ASP A 312 -3.10 -9.06 13.68
CA ASP A 312 -1.67 -8.91 14.01
C ASP A 312 -0.86 -10.25 13.79
N ASN A 313 -1.56 -11.36 13.65
CA ASN A 313 -0.92 -12.62 13.29
C ASN A 313 -0.27 -12.61 11.90
N HIS A 314 -0.56 -11.62 11.06
CA HIS A 314 0.08 -11.54 9.76
C HIS A 314 0.23 -10.13 9.28
N THR A 315 1.48 -9.70 9.12
CA THR A 315 1.81 -8.34 8.68
C THR A 315 3.20 -8.41 8.05
N TRP A 316 3.40 -7.77 6.87
CA TRP A 316 4.74 -7.62 6.26
C TRP A 316 5.75 -6.91 7.16
N LEU A 317 5.28 -6.15 8.16
CA LEU A 317 6.17 -5.49 9.05
C LEU A 317 7.10 -6.44 9.78
N ASP A 318 6.69 -7.70 9.96
CA ASP A 318 7.56 -8.71 10.61
C ASP A 318 8.82 -8.99 9.81
N SER A 319 8.79 -8.73 8.50
CA SER A 319 9.95 -8.92 7.65
C SER A 319 10.95 -7.77 7.89
N ARG A 320 10.52 -6.70 8.56
CA ARG A 320 11.43 -5.57 8.92
C ARG A 320 11.82 -5.58 10.40
N ALA A 321 11.22 -6.47 11.18
CA ALA A 321 11.38 -6.51 12.64
C ALA A 321 12.69 -7.24 13.02
N ASP A 322 13.77 -6.50 12.87
CA ASP A 322 15.08 -6.99 13.16
C ASP A 322 15.22 -7.03 14.68
N VAL A 323 15.78 -8.11 15.24
CA VAL A 323 15.99 -8.20 16.70
C VAL A 323 17.46 -8.11 17.02
N TYR A 324 17.73 -7.15 17.91
CA TYR A 324 19.07 -6.80 18.33
C TYR A 324 19.38 -7.48 19.66
N TYR A 325 20.52 -8.16 19.70
CA TYR A 325 20.96 -8.89 20.94
C TYR A 325 22.28 -8.35 21.48
N ASP A 326 22.36 -7.98 22.75
CA ASP A 326 23.66 -7.60 23.34
C ASP A 326 24.60 -8.82 23.57
N ALA A 327 25.81 -8.59 24.04
CA ALA A 327 26.82 -9.69 24.17
C ALA A 327 26.36 -10.84 25.09
N ASN A 328 25.58 -10.52 26.11
CA ASN A 328 24.96 -11.57 26.94
C ASN A 328 23.75 -12.29 26.33
N GLY A 329 23.29 -11.97 25.11
CA GLY A 329 22.13 -12.63 24.48
C GLY A 329 20.79 -12.03 24.89
N ASN A 330 20.79 -10.87 25.57
CA ASN A 330 19.55 -10.20 25.88
C ASN A 330 19.13 -9.30 24.74
N VAL A 331 17.83 -9.10 24.63
CA VAL A 331 17.23 -8.38 23.54
C VAL A 331 17.43 -6.89 23.77
N VAL A 332 17.81 -6.14 22.73
CA VAL A 332 18.02 -4.70 22.86
C VAL A 332 17.04 -3.96 21.95
N VAL A 333 16.22 -3.13 22.56
CA VAL A 333 15.22 -2.35 21.82
C VAL A 333 15.44 -0.84 21.85
N ASP A 334 16.32 -0.34 22.73
CA ASP A 334 16.69 1.09 22.76
C ASP A 334 17.57 1.45 21.57
N PRO A 335 17.21 2.46 20.80
CA PRO A 335 17.92 2.82 19.53
C PRO A 335 19.42 3.19 19.58
N ASN A 336 19.90 3.78 20.65
CA ASN A 336 21.34 4.06 20.62
C ASN A 336 22.17 3.07 21.45
N ALA A 337 21.52 2.05 22.03
CA ALA A 337 22.21 1.25 23.02
C ALA A 337 23.15 0.22 22.41
N PRO A 338 24.14 -0.25 23.19
CA PRO A 338 25.04 -1.29 22.75
C PRO A 338 24.39 -2.57 22.27
N TYR A 339 24.99 -3.19 21.29
CA TYR A 339 24.56 -4.49 20.89
C TYR A 339 25.70 -5.12 20.07
N ALA A 340 25.61 -6.44 19.92
CA ALA A 340 26.61 -7.26 19.26
C ALA A 340 26.14 -7.89 17.97
N LYS A 341 24.92 -8.40 17.94
CA LYS A 341 24.38 -8.93 16.70
C LYS A 341 22.92 -8.59 16.46
N VAL A 342 22.50 -8.77 15.23
CA VAL A 342 21.14 -8.54 14.80
C VAL A 342 20.59 -9.77 14.05
N GLU A 343 19.38 -10.24 14.38
CA GLU A 343 18.73 -11.27 13.54
C GLU A 343 17.64 -10.59 12.66
N LYS A 344 17.99 -10.33 11.42
CA LYS A 344 17.13 -9.59 10.48
C LYS A 344 15.80 -10.29 10.23
N GLY A 345 14.70 -9.56 10.45
CA GLY A 345 13.34 -10.05 10.10
C GLY A 345 12.82 -11.20 10.97
N LYS A 346 13.33 -11.36 12.19
CA LYS A 346 12.96 -12.48 13.01
C LYS A 346 12.02 -12.12 14.14
N GLY A 347 11.68 -10.85 14.26
CA GLY A 347 10.82 -10.41 15.33
C GLY A 347 9.39 -10.21 14.95
N LYS A 348 8.69 -9.49 15.83
CA LYS A 348 7.26 -9.39 15.78
C LYS A 348 6.79 -7.95 15.99
N ASP A 349 6.04 -7.45 15.02
CA ASP A 349 5.40 -6.12 15.10
C ASP A 349 3.90 -6.32 15.35
N ALA A 350 3.23 -5.25 15.72
CA ALA A 350 1.85 -5.36 16.15
C ALA A 350 1.02 -4.14 15.68
N PRO A 351 0.78 -4.05 14.36
CA PRO A 351 0.33 -2.76 13.79
C PRO A 351 -1.17 -2.46 13.69
N PHE A 352 -2.04 -3.41 13.99
CA PHE A 352 -3.41 -3.27 13.62
C PHE A 352 -4.25 -3.02 14.86
N VAL A 353 -5.57 -2.99 14.71
CA VAL A 353 -6.47 -2.83 15.80
C VAL A 353 -7.02 -4.13 16.26
N PHE A 354 -6.68 -5.22 15.55
CA PHE A 354 -7.08 -6.58 15.90
C PHE A 354 -5.84 -7.41 16.22
N GLY A 355 -5.84 -8.10 17.34
CA GLY A 355 -4.71 -8.96 17.72
C GLY A 355 -4.55 -10.30 17.00
N PRO A 356 -3.44 -10.98 17.25
CA PRO A 356 -3.17 -12.28 16.59
C PRO A 356 -4.12 -13.43 16.97
N ASP A 357 -4.91 -13.32 18.04
CA ASP A 357 -5.92 -14.34 18.29
C ASP A 357 -7.31 -13.81 17.95
N TYR A 358 -7.32 -12.75 17.15
CA TYR A 358 -8.57 -12.16 16.57
C TYR A 358 -9.46 -11.51 17.67
N LYS A 359 -8.83 -11.01 18.75
CA LYS A 359 -9.59 -10.28 19.73
C LYS A 359 -9.20 -8.84 19.61
N VAL A 360 -10.12 -7.93 19.94
CA VAL A 360 -9.89 -6.51 19.80
C VAL A 360 -8.86 -5.92 20.79
N LYS A 361 -8.07 -5.00 20.27
CA LYS A 361 -7.03 -4.28 20.98
C LYS A 361 -7.47 -2.92 21.49
N PRO A 362 -6.68 -2.32 22.38
CA PRO A 362 -7.12 -0.98 22.78
C PRO A 362 -7.27 0.01 21.61
N ALA A 363 -6.42 -0.10 20.59
CA ALA A 363 -6.55 0.76 19.41
C ALA A 363 -7.95 0.64 18.78
N TYR A 364 -8.55 -0.52 18.81
CA TYR A 364 -9.91 -0.71 18.28
C TYR A 364 -10.91 0.15 19.01
N TRP A 365 -10.91 0.04 20.35
CA TRP A 365 -11.84 0.84 21.13
C TRP A 365 -11.60 2.30 20.85
N ALA A 366 -10.35 2.68 20.67
CA ALA A 366 -10.08 4.06 20.38
C ALA A 366 -10.66 4.56 19.06
N ILE A 367 -10.89 3.70 18.06
CA ILE A 367 -11.40 4.18 16.77
C ILE A 367 -12.86 3.81 16.50
N ILE A 368 -13.40 2.97 17.34
CA ILE A 368 -14.80 2.64 17.23
C ILE A 368 -15.69 3.62 17.98
N ASP A 369 -15.14 4.32 18.98
CA ASP A 369 -15.97 5.26 19.78
C ASP A 369 -16.18 6.59 18.99
N HIS A 370 -16.87 7.55 19.61
CA HIS A 370 -17.09 8.86 18.98
C HIS A 370 -16.44 9.97 19.85
N LYS A 371 -15.47 9.60 20.67
CA LYS A 371 -14.73 10.54 21.51
C LYS A 371 -13.36 10.75 20.91
#